data_9K2H
#
_entry.id   9K2H
#
_cell.length_a   90.742
_cell.length_b   90.742
_cell.length_c   113.391
_cell.angle_alpha   90.000
_cell.angle_beta   90.000
_cell.angle_gamma   90.000
#
_symmetry.space_group_name_H-M   'I 41'
#
_entity_poly.entity_id   1
_entity_poly.type   'polypeptide(L)'
_entity_poly.pdbx_seq_one_letter_code
;MNQKIAEEKRKRDEINMVKDAIKLTSDFYRTIYDEFGKQASELAKELASVSQGKQIKSVDDALNAFDKFRNNLNKKYNIQ
DRMAISKALEAINQVHMAENFKLFSKAFGFTGKVIDRYDVAVELQKAVKTDNWRPFFVKLESLAAGRAASAVTAWAFSVM
LGTPVGILGFAIIMAAVSALVNDKFIEQVNKLIGIGSRSHHHHHH
;
_entity_poly.pdbx_strand_id   A
#
# COMPACT_ATOMS: atom_id res chain seq x y z
N ASN A 2 -32.04 -23.29 -12.81
CA ASN A 2 -30.71 -22.88 -13.22
C ASN A 2 -29.94 -22.19 -12.08
N GLN A 3 -30.47 -22.26 -10.87
CA GLN A 3 -29.70 -21.81 -9.70
C GLN A 3 -28.52 -22.74 -9.45
N LYS A 4 -28.70 -24.04 -9.71
CA LYS A 4 -27.62 -25.02 -9.62
C LYS A 4 -26.42 -24.58 -10.45
N ILE A 5 -26.66 -24.18 -11.70
CA ILE A 5 -25.59 -23.74 -12.59
C ILE A 5 -24.98 -22.43 -12.10
N ALA A 6 -25.82 -21.54 -11.55
CA ALA A 6 -25.36 -20.23 -11.13
C ALA A 6 -24.44 -20.31 -9.92
N GLU A 7 -24.81 -21.09 -8.91
CA GLU A 7 -23.91 -21.33 -7.78
C GLU A 7 -22.58 -21.88 -8.24
N GLU A 8 -22.61 -22.83 -9.19
CA GLU A 8 -21.39 -23.43 -9.69
C GLU A 8 -20.48 -22.38 -10.32
N LYS A 9 -21.04 -21.53 -11.19
CA LYS A 9 -20.23 -20.50 -11.83
C LYS A 9 -19.75 -19.46 -10.83
N ARG A 10 -20.58 -19.14 -9.83
CA ARG A 10 -20.17 -18.19 -8.79
C ARG A 10 -18.96 -18.71 -8.03
N LYS A 11 -19.00 -19.98 -7.65
CA LYS A 11 -17.88 -20.54 -6.89
C LYS A 11 -16.63 -20.69 -7.77
N ARG A 12 -16.80 -21.11 -9.04
CA ARG A 12 -15.64 -21.22 -9.92
C ARG A 12 -14.99 -19.85 -10.15
N ASP A 13 -15.81 -18.80 -10.28
CA ASP A 13 -15.26 -17.46 -10.47
C ASP A 13 -14.57 -16.96 -9.21
N GLU A 14 -15.15 -17.22 -8.03
CA GLU A 14 -14.48 -16.80 -6.80
C GLU A 14 -13.15 -17.51 -6.62
N ILE A 15 -13.11 -18.82 -6.94
CA ILE A 15 -11.86 -19.57 -6.88
C ILE A 15 -10.82 -18.97 -7.81
N ASN A 16 -11.18 -18.78 -9.08
CA ASN A 16 -10.22 -18.23 -10.03
C ASN A 16 -9.82 -16.82 -9.65
N MET A 17 -10.68 -16.09 -8.95
CA MET A 17 -10.29 -14.79 -8.43
C MET A 17 -9.19 -14.94 -7.38
N VAL A 18 -9.36 -15.90 -6.46
CA VAL A 18 -8.30 -16.16 -5.48
C VAL A 18 -7.01 -16.56 -6.18
N LYS A 19 -7.12 -17.40 -7.21
CA LYS A 19 -5.94 -17.81 -7.97
C LYS A 19 -5.22 -16.61 -8.57
N ASP A 20 -5.98 -15.72 -9.23
CA ASP A 20 -5.39 -14.51 -9.79
C ASP A 20 -4.75 -13.65 -8.71
N ALA A 21 -5.39 -13.56 -7.54
CA ALA A 21 -4.84 -12.76 -6.45
C ALA A 21 -3.46 -13.29 -6.02
N ILE A 22 -3.33 -14.60 -5.92
CA ILE A 22 -2.04 -15.18 -5.55
C ILE A 22 -1.01 -14.90 -6.65
N LYS A 23 -1.41 -15.06 -7.92
CA LYS A 23 -0.47 -14.81 -9.01
C LYS A 23 -0.03 -13.35 -9.01
N LEU A 24 -0.96 -12.44 -8.73
CA LEU A 24 -0.65 -11.02 -8.71
C LEU A 24 0.31 -10.70 -7.58
N THR A 25 0.12 -11.31 -6.40
CA THR A 25 1.02 -10.98 -5.29
C THR A 25 2.42 -11.53 -5.53
N SER A 26 2.52 -12.74 -6.10
CA SER A 26 3.85 -13.29 -6.39
C SER A 26 4.58 -12.48 -7.45
N ASP A 27 3.87 -12.10 -8.52
CA ASP A 27 4.46 -11.18 -9.48
C ASP A 27 4.81 -9.85 -8.85
N PHE A 28 4.03 -9.40 -7.86
CA PHE A 28 4.35 -8.15 -7.20
C PHE A 28 5.66 -8.24 -6.44
N TYR A 29 5.84 -9.32 -5.69
CA TYR A 29 7.07 -9.46 -4.92
C TYR A 29 8.28 -9.61 -5.83
N ARG A 30 8.12 -10.31 -6.96
CA ARG A 30 9.20 -10.39 -7.94
C ARG A 30 9.52 -9.01 -8.52
N THR A 31 8.48 -8.22 -8.83
CA THR A 31 8.70 -6.86 -9.31
C THR A 31 9.51 -6.04 -8.30
N ILE A 32 9.03 -6.00 -7.06
CA ILE A 32 9.70 -5.22 -6.01
C ILE A 32 11.14 -5.67 -5.86
N TYR A 33 11.38 -6.98 -5.92
CA TYR A 33 12.74 -7.48 -5.89
C TYR A 33 13.55 -6.93 -7.05
N ASP A 34 12.95 -6.87 -8.25
CA ASP A 34 13.72 -6.51 -9.45
C ASP A 34 14.10 -5.03 -9.47
N GLU A 35 13.20 -4.14 -9.05
CA GLU A 35 13.50 -2.71 -9.14
C GLU A 35 13.97 -2.09 -7.83
N PHE A 36 13.84 -2.80 -6.71
CA PHE A 36 14.19 -2.23 -5.41
C PHE A 36 15.15 -3.12 -4.62
N GLY A 37 15.11 -4.42 -4.85
CA GLY A 37 16.10 -5.30 -4.28
C GLY A 37 15.52 -6.33 -3.33
N LYS A 38 16.42 -7.16 -2.78
CA LYS A 38 16.02 -8.24 -1.89
C LYS A 38 15.35 -7.69 -0.64
N GLN A 39 16.06 -6.83 0.09
CA GLN A 39 15.52 -6.31 1.34
C GLN A 39 14.15 -5.70 1.15
N ALA A 40 13.88 -5.10 -0.01
CA ALA A 40 12.60 -4.43 -0.23
C ALA A 40 11.47 -5.43 -0.36
N SER A 41 11.65 -6.45 -1.21
CA SER A 41 10.61 -7.48 -1.32
C SER A 41 10.42 -8.22 0.00
N GLU A 42 11.51 -8.41 0.75
CA GLU A 42 11.37 -9.04 2.06
C GLU A 42 10.58 -8.16 3.02
N LEU A 43 10.81 -6.84 2.98
CA LEU A 43 10.02 -5.91 3.78
C LEU A 43 8.55 -6.00 3.42
N ALA A 44 8.25 -5.94 2.13
CA ALA A 44 6.86 -5.97 1.69
C ALA A 44 6.19 -7.26 2.10
N LYS A 45 6.90 -8.38 2.03
CA LYS A 45 6.34 -9.66 2.43
C LYS A 45 6.07 -9.70 3.93
N GLU A 46 7.03 -9.24 4.73
CA GLU A 46 6.81 -9.24 6.17
C GLU A 46 5.64 -8.35 6.56
N LEU A 47 5.51 -7.20 5.90
CA LEU A 47 4.47 -6.27 6.26
C LEU A 47 3.10 -6.76 5.83
N ALA A 48 3.02 -7.40 4.66
CA ALA A 48 1.75 -8.01 4.28
C ALA A 48 1.39 -9.16 5.22
N SER A 49 2.39 -9.87 5.75
CA SER A 49 2.07 -10.91 6.73
C SER A 49 1.60 -10.32 8.05
N VAL A 50 2.29 -9.29 8.52
CA VAL A 50 1.93 -8.60 9.75
C VAL A 50 0.51 -8.01 9.63
N SER A 51 0.16 -7.53 8.44
CA SER A 51 -1.12 -6.83 8.29
C SER A 51 -2.30 -7.81 8.19
N GLN A 52 -2.13 -8.94 7.52
CA GLN A 52 -3.16 -9.97 7.55
C GLN A 52 -3.44 -10.38 9.00
N GLY A 53 -4.71 -10.37 9.38
CA GLY A 53 -5.03 -10.66 10.76
C GLY A 53 -4.37 -9.68 11.73
N LYS A 54 -4.60 -8.40 11.49
CA LYS A 54 -4.21 -7.37 12.43
C LYS A 54 -5.08 -6.15 12.19
N GLN A 55 -5.11 -5.28 13.20
CA GLN A 55 -5.93 -4.08 13.26
C GLN A 55 -5.01 -2.88 13.16
N ILE A 56 -5.38 -1.90 12.34
CA ILE A 56 -4.56 -0.70 12.22
C ILE A 56 -4.44 0.00 13.57
N LYS A 57 -3.32 0.68 13.77
CA LYS A 57 -3.20 1.55 14.93
C LYS A 57 -4.11 2.77 14.76
N SER A 58 -4.46 3.39 15.88
CA SER A 58 -5.12 4.68 15.84
C SER A 58 -4.38 5.64 14.90
N VAL A 59 -5.12 6.55 14.27
CA VAL A 59 -4.49 7.50 13.35
C VAL A 59 -3.53 8.41 14.09
N ASP A 60 -3.86 8.76 15.33
CA ASP A 60 -2.96 9.60 16.13
C ASP A 60 -1.58 8.96 16.22
N ASP A 61 -1.55 7.67 16.55
CA ASP A 61 -0.28 6.95 16.66
C ASP A 61 0.40 6.81 15.30
N ALA A 62 -0.36 6.57 14.24
CA ALA A 62 0.23 6.50 12.91
C ALA A 62 0.94 7.80 12.53
N LEU A 63 0.36 8.92 12.94
CA LEU A 63 0.96 10.21 12.59
C LEU A 63 2.15 10.53 13.48
N ASN A 64 2.05 10.27 14.80
CA ASN A 64 3.21 10.46 15.65
C ASN A 64 4.37 9.56 15.21
N ALA A 65 4.05 8.36 14.74
CA ALA A 65 5.06 7.50 14.15
C ALA A 65 5.56 8.07 12.83
N PHE A 66 4.66 8.49 11.96
CA PHE A 66 5.07 8.97 10.65
C PHE A 66 5.83 10.30 10.75
N ASP A 67 5.51 11.12 11.74
CA ASP A 67 6.22 12.39 11.87
C ASP A 67 7.70 12.17 12.11
N LYS A 68 8.04 11.17 12.92
CA LYS A 68 9.43 10.77 13.09
C LYS A 68 10.06 10.47 11.75
N PHE A 69 9.38 9.66 10.93
CA PHE A 69 9.87 9.37 9.59
C PHE A 69 10.00 10.66 8.79
N ARG A 70 8.97 11.48 8.82
CA ARG A 70 8.96 12.72 8.07
C ARG A 70 10.16 13.60 8.40
N ASN A 71 10.70 13.47 9.61
CA ASN A 71 11.75 14.40 10.04
C ASN A 71 13.15 13.93 9.67
N ASN A 72 13.47 12.65 9.84
CA ASN A 72 14.70 12.11 9.26
C ASN A 72 14.70 12.28 7.76
N LEU A 73 13.57 12.01 7.12
CA LEU A 73 13.50 12.07 5.66
C LEU A 73 13.81 13.48 5.16
N ASN A 74 13.25 14.50 5.81
CA ASN A 74 13.46 15.86 5.34
C ASN A 74 14.87 16.36 5.62
N LYS A 75 15.70 15.59 6.35
CA LYS A 75 17.09 15.96 6.54
C LYS A 75 17.93 15.68 5.30
N LYS A 76 17.61 14.63 4.56
CA LYS A 76 18.40 14.26 3.38
C LYS A 76 17.73 14.56 2.05
N TYR A 77 16.39 14.46 1.97
CA TYR A 77 15.68 14.62 0.73
C TYR A 77 14.83 15.88 0.76
N ASN A 78 14.62 16.44 -0.43
CA ASN A 78 14.07 17.77 -0.58
C ASN A 78 12.81 17.73 -1.44
N ILE A 79 12.37 18.92 -1.87
CA ILE A 79 11.11 18.99 -2.56
C ILE A 79 11.23 18.59 -4.03
N GLN A 80 12.40 18.72 -4.65
CA GLN A 80 12.56 18.12 -5.98
C GLN A 80 12.37 16.62 -5.90
N ASP A 81 12.89 16.00 -4.84
CA ASP A 81 12.77 14.57 -4.65
C ASP A 81 11.32 14.17 -4.46
N ARG A 82 10.53 15.03 -3.83
CA ARG A 82 9.12 14.73 -3.61
C ARG A 82 8.30 14.94 -4.87
N MET A 83 8.53 16.06 -5.55
CA MET A 83 7.85 16.31 -6.82
C MET A 83 8.04 15.15 -7.78
N ALA A 84 9.20 14.52 -7.75
CA ALA A 84 9.42 13.35 -8.60
C ALA A 84 8.40 12.26 -8.31
N ILE A 85 8.25 11.89 -7.04
CA ILE A 85 7.27 10.89 -6.62
C ILE A 85 5.85 11.31 -6.98
N SER A 86 5.54 12.61 -6.83
CA SER A 86 4.20 13.10 -7.17
C SER A 86 3.87 12.88 -8.64
N LYS A 87 4.83 13.17 -9.54
CA LYS A 87 4.58 12.93 -10.96
C LYS A 87 4.45 11.43 -11.27
N ALA A 88 5.26 10.61 -10.58
CA ALA A 88 5.13 9.16 -10.72
C ALA A 88 3.71 8.71 -10.37
N LEU A 89 3.19 9.21 -9.24
CA LEU A 89 1.83 8.89 -8.82
C LEU A 89 0.81 9.34 -9.86
N GLU A 90 1.04 10.52 -10.43
CA GLU A 90 0.12 10.98 -11.46
C GLU A 90 0.04 10.01 -12.63
N ALA A 91 1.11 9.27 -12.90
CA ALA A 91 1.01 8.31 -14.01
C ALA A 91 0.16 7.06 -13.71
N ILE A 92 -0.40 6.90 -12.51
CA ILE A 92 -1.14 5.67 -12.18
C ILE A 92 -2.39 5.55 -13.04
N ASN A 93 -2.65 4.35 -13.55
CA ASN A 93 -3.92 4.06 -14.18
C ASN A 93 -4.92 3.56 -13.13
N GLN A 94 -6.09 4.20 -13.12
CA GLN A 94 -7.05 4.04 -12.05
C GLN A 94 -7.82 2.73 -12.16
N VAL A 95 -8.05 2.27 -13.39
CA VAL A 95 -8.76 1.02 -13.61
C VAL A 95 -7.95 -0.15 -13.07
N HIS A 96 -6.70 -0.27 -13.54
CA HIS A 96 -5.81 -1.34 -13.10
C HIS A 96 -5.54 -1.23 -11.61
N MET A 97 -5.41 0.01 -11.11
CA MET A 97 -5.20 0.17 -9.67
C MET A 97 -6.36 -0.40 -8.89
N ALA A 98 -7.60 -0.16 -9.36
CA ALA A 98 -8.78 -0.70 -8.70
C ALA A 98 -8.82 -2.22 -8.77
N GLU A 99 -8.57 -2.79 -9.95
CA GLU A 99 -8.56 -4.25 -10.06
C GLU A 99 -7.50 -4.88 -9.16
N ASN A 100 -6.27 -4.36 -9.21
CA ASN A 100 -5.18 -4.86 -8.38
C ASN A 100 -5.49 -4.67 -6.90
N PHE A 101 -6.13 -3.56 -6.54
CA PHE A 101 -6.58 -3.37 -5.17
C PHE A 101 -7.52 -4.49 -4.74
N LYS A 102 -8.52 -4.80 -5.59
CA LYS A 102 -9.46 -5.88 -5.27
C LYS A 102 -8.71 -7.19 -5.06
N LEU A 103 -7.76 -7.49 -5.94
CA LEU A 103 -7.03 -8.76 -5.87
C LEU A 103 -6.12 -8.83 -4.65
N PHE A 104 -5.39 -7.76 -4.37
CA PHE A 104 -4.51 -7.72 -3.21
C PHE A 104 -5.30 -7.90 -1.92
N SER A 105 -6.38 -7.12 -1.79
CA SER A 105 -7.30 -7.30 -0.67
C SER A 105 -7.68 -8.75 -0.51
N LYS A 106 -8.16 -9.39 -1.57
CA LYS A 106 -8.52 -10.80 -1.49
C LYS A 106 -7.37 -11.63 -0.95
N ALA A 107 -6.17 -11.45 -1.54
CA ALA A 107 -5.00 -12.24 -1.18
C ALA A 107 -4.60 -12.07 0.27
N PHE A 108 -4.93 -10.92 0.88
CA PHE A 108 -4.54 -10.59 2.25
C PHE A 108 -5.62 -10.89 3.28
N GLY A 109 -6.64 -11.65 2.91
CA GLY A 109 -7.68 -12.03 3.84
C GLY A 109 -8.78 -11.00 4.03
N PHE A 110 -8.90 -10.01 3.15
CA PHE A 110 -9.94 -9.02 3.26
C PHE A 110 -11.21 -9.56 2.60
N THR A 111 -12.22 -9.86 3.43
CA THR A 111 -13.43 -10.55 3.01
C THR A 111 -14.47 -9.62 2.40
N GLY A 112 -14.40 -8.32 2.67
CA GLY A 112 -15.41 -7.39 2.25
C GLY A 112 -15.29 -6.97 0.78
N LYS A 113 -16.19 -6.06 0.41
CA LYS A 113 -16.20 -5.42 -0.89
C LYS A 113 -15.15 -4.32 -0.94
N VAL A 114 -14.57 -4.12 -2.12
CA VAL A 114 -13.55 -3.10 -2.30
C VAL A 114 -13.98 -2.17 -3.43
N ILE A 115 -13.84 -0.86 -3.19
CA ILE A 115 -14.19 0.14 -4.19
C ILE A 115 -12.92 0.89 -4.61
N ASP A 116 -13.00 1.51 -5.78
CA ASP A 116 -11.88 2.27 -6.31
C ASP A 116 -11.56 3.44 -5.40
N ARG A 117 -10.38 3.41 -4.80
CA ARG A 117 -9.94 4.51 -3.96
C ARG A 117 -8.77 5.25 -4.58
N TYR A 118 -8.98 5.69 -5.82
CA TYR A 118 -8.00 6.55 -6.48
C TYR A 118 -7.85 7.87 -5.73
N ASP A 119 -8.91 8.31 -5.05
CA ASP A 119 -8.85 9.57 -4.32
C ASP A 119 -7.78 9.51 -3.23
N VAL A 120 -7.60 8.36 -2.60
CA VAL A 120 -6.53 8.27 -1.62
C VAL A 120 -5.17 8.47 -2.30
N ALA A 121 -5.03 8.01 -3.54
CA ALA A 121 -3.80 8.25 -4.30
C ALA A 121 -3.61 9.74 -4.60
N VAL A 122 -4.71 10.44 -4.93
CA VAL A 122 -4.60 11.88 -5.18
C VAL A 122 -4.18 12.60 -3.92
N GLU A 123 -4.76 12.20 -2.80
CA GLU A 123 -4.32 12.78 -1.54
C GLU A 123 -2.84 12.50 -1.31
N LEU A 124 -2.36 11.31 -1.68
CA LEU A 124 -0.94 11.00 -1.52
C LEU A 124 -0.10 12.01 -2.28
N GLN A 125 -0.46 12.28 -3.53
CA GLN A 125 0.24 13.32 -4.30
C GLN A 125 0.25 14.63 -3.55
N LYS A 126 -0.93 15.05 -3.06
CA LYS A 126 -1.03 16.33 -2.36
C LYS A 126 -0.15 16.35 -1.11
N ALA A 127 -0.16 15.27 -0.34
CA ALA A 127 0.57 15.22 0.91
C ALA A 127 2.05 14.94 0.71
N VAL A 128 2.46 14.57 -0.48
CA VAL A 128 3.87 14.45 -0.79
C VAL A 128 4.44 15.78 -1.28
N LYS A 129 3.65 16.57 -2.03
CA LYS A 129 4.09 17.91 -2.40
C LYS A 129 4.10 18.86 -1.19
N THR A 130 3.07 18.79 -0.34
CA THR A 130 3.04 19.45 0.95
C THR A 130 3.61 18.51 2.00
N ASP A 131 3.54 18.88 3.28
CA ASP A 131 3.86 17.91 4.33
C ASP A 131 2.67 17.62 5.21
N ASN A 132 1.44 17.91 4.73
CA ASN A 132 0.22 17.70 5.50
C ASN A 132 -0.34 16.33 5.17
N TRP A 133 -0.07 15.37 6.04
CA TRP A 133 -0.44 13.99 5.84
C TRP A 133 -1.70 13.60 6.58
N ARG A 134 -2.18 14.48 7.46
CA ARG A 134 -3.34 14.14 8.29
C ARG A 134 -4.50 13.68 7.42
N PRO A 135 -5.03 14.48 6.47
CA PRO A 135 -6.12 13.97 5.64
C PRO A 135 -5.78 12.71 4.89
N PHE A 136 -4.53 12.53 4.46
CA PHE A 136 -4.14 11.26 3.85
C PHE A 136 -4.37 10.10 4.81
N PHE A 137 -3.90 10.23 6.05
CA PHE A 137 -4.06 9.11 6.99
C PHE A 137 -5.51 8.93 7.39
N VAL A 138 -6.31 10.00 7.38
CA VAL A 138 -7.74 9.87 7.62
C VAL A 138 -8.37 9.02 6.52
N LYS A 139 -8.12 9.38 5.26
CA LYS A 139 -8.69 8.62 4.13
C LYS A 139 -8.21 7.17 4.13
N LEU A 140 -6.92 6.97 4.38
CA LEU A 140 -6.39 5.62 4.55
C LEU A 140 -7.16 4.85 5.61
N GLU A 141 -7.39 5.46 6.78
CA GLU A 141 -8.13 4.76 7.81
C GLU A 141 -9.50 4.35 7.29
N SER A 142 -10.25 5.34 6.76
CA SER A 142 -11.60 5.10 6.22
C SER A 142 -11.61 3.97 5.19
N LEU A 143 -10.49 3.75 4.52
CA LEU A 143 -10.31 2.65 3.60
C LEU A 143 -10.29 1.28 4.30
N ALA A 144 -10.03 1.24 5.62
CA ALA A 144 -9.69 0.02 6.34
C ALA A 144 -10.89 -0.47 7.13
N ALA A 145 -11.77 -1.19 6.46
CA ALA A 145 -13.00 -1.66 7.08
C ALA A 145 -12.70 -2.52 8.30
N GLY A 146 -13.53 -2.39 9.34
CA GLY A 146 -13.27 -3.06 10.60
C GLY A 146 -11.87 -2.85 11.13
N ARG A 147 -11.21 -1.78 10.66
CA ARG A 147 -9.84 -1.43 11.05
C ARG A 147 -8.81 -2.45 10.56
N ALA A 148 -9.10 -3.14 9.44
CA ALA A 148 -8.22 -4.18 8.90
C ALA A 148 -7.01 -3.56 8.23
N ALA A 149 -5.82 -3.96 8.68
CA ALA A 149 -4.58 -3.51 8.03
C ALA A 149 -4.46 -4.08 6.63
N SER A 150 -5.09 -5.24 6.39
CA SER A 150 -5.01 -5.89 5.08
C SER A 150 -5.46 -4.93 3.97
N ALA A 151 -6.51 -4.16 4.21
CA ALA A 151 -6.96 -3.17 3.23
C ALA A 151 -5.88 -2.11 2.97
N VAL A 152 -5.26 -1.62 4.05
CA VAL A 152 -4.21 -0.61 3.94
C VAL A 152 -3.10 -1.09 3.03
N THR A 153 -2.47 -2.22 3.38
CA THR A 153 -1.32 -2.63 2.58
C THR A 153 -1.72 -3.12 1.19
N ALA A 154 -2.94 -3.63 1.01
CA ALA A 154 -3.41 -3.94 -0.34
C ALA A 154 -3.43 -2.68 -1.20
N TRP A 155 -4.00 -1.59 -0.66
CA TRP A 155 -4.06 -0.36 -1.41
C TRP A 155 -2.66 0.15 -1.74
N ALA A 156 -1.78 0.16 -0.74
CA ALA A 156 -0.39 0.54 -0.95
C ALA A 156 0.26 -0.24 -2.09
N PHE A 157 0.13 -1.58 -2.06
CA PHE A 157 0.70 -2.42 -3.09
C PHE A 157 0.12 -2.11 -4.46
N SER A 158 -1.19 -1.88 -4.54
CA SER A 158 -1.81 -1.52 -5.82
C SER A 158 -1.20 -0.24 -6.39
N VAL A 159 -0.92 0.74 -5.52
CA VAL A 159 -0.34 2.01 -5.95
C VAL A 159 1.07 1.82 -6.45
N MET A 160 1.87 1.07 -5.70
CA MET A 160 3.24 0.83 -6.13
C MET A 160 3.26 0.04 -7.44
N LEU A 161 2.37 -0.92 -7.58
CA LEU A 161 2.30 -1.66 -8.82
C LEU A 161 1.89 -0.75 -9.98
N GLY A 162 1.12 0.29 -9.68
CA GLY A 162 0.63 1.13 -10.77
C GLY A 162 1.66 2.01 -11.42
N THR A 163 2.88 2.07 -10.87
CA THR A 163 3.77 3.14 -11.30
C THR A 163 5.17 2.98 -10.73
N PRO A 164 6.25 3.40 -11.47
CA PRO A 164 7.61 3.38 -10.88
C PRO A 164 7.82 4.54 -9.91
N VAL A 165 7.54 4.31 -8.63
CA VAL A 165 7.73 5.35 -7.61
C VAL A 165 9.21 5.58 -7.30
N GLY A 166 10.08 4.61 -7.61
CA GLY A 166 11.47 4.68 -7.19
C GLY A 166 11.64 4.43 -5.70
N ILE A 167 12.87 4.09 -5.29
CA ILE A 167 13.11 3.60 -3.93
C ILE A 167 12.56 4.59 -2.88
N LEU A 168 12.61 5.88 -3.17
CA LEU A 168 12.19 6.88 -2.19
C LEU A 168 10.67 6.89 -2.02
N GLY A 169 9.94 6.89 -3.14
CA GLY A 169 8.49 6.74 -3.06
C GLY A 169 8.10 5.44 -2.38
N PHE A 170 8.77 4.35 -2.75
CA PHE A 170 8.50 3.07 -2.12
C PHE A 170 8.66 3.18 -0.61
N ALA A 171 9.79 3.72 -0.17
CA ALA A 171 10.06 3.88 1.25
C ALA A 171 8.97 4.69 1.91
N ILE A 172 8.55 5.76 1.26
CA ILE A 172 7.57 6.63 1.90
C ILE A 172 6.22 5.93 2.06
N ILE A 173 5.73 5.28 0.99
CA ILE A 173 4.48 4.53 1.06
C ILE A 173 4.56 3.45 2.14
N MET A 174 5.57 2.59 2.05
CA MET A 174 5.80 1.57 3.06
C MET A 174 5.82 2.15 4.47
N ALA A 175 6.35 3.37 4.62
CA ALA A 175 6.48 3.97 5.94
C ALA A 175 5.11 4.41 6.46
N ALA A 176 4.30 5.01 5.60
CA ALA A 176 2.93 5.31 5.99
C ALA A 176 2.21 4.02 6.43
N VAL A 177 2.33 2.97 5.62
CA VAL A 177 1.66 1.71 5.95
C VAL A 177 2.15 1.17 7.28
N SER A 178 3.45 1.26 7.53
CA SER A 178 3.97 0.78 8.80
C SER A 178 3.42 1.61 9.95
N ALA A 179 3.32 2.92 9.76
CA ALA A 179 2.77 3.80 10.79
C ALA A 179 1.36 3.37 11.18
N LEU A 180 0.57 2.90 10.19
CA LEU A 180 -0.76 2.41 10.51
C LEU A 180 -0.76 0.98 11.06
N VAL A 181 0.15 0.13 10.59
CA VAL A 181 0.10 -1.30 10.87
C VAL A 181 1.08 -1.70 11.97
N ASN A 182 2.36 -1.36 11.83
CA ASN A 182 3.34 -1.63 12.89
C ASN A 182 4.56 -0.73 12.68
N ASP A 183 4.79 0.16 13.65
CA ASP A 183 5.87 1.13 13.54
C ASP A 183 7.24 0.48 13.46
N LYS A 184 7.34 -0.84 13.69
CA LYS A 184 8.64 -1.50 13.67
C LYS A 184 9.32 -1.39 12.31
N PHE A 185 8.55 -1.56 11.23
CA PHE A 185 9.14 -1.62 9.89
C PHE A 185 9.78 -0.32 9.44
N ILE A 186 9.62 0.77 10.18
CA ILE A 186 10.07 2.04 9.66
C ILE A 186 11.58 2.18 9.79
N GLU A 187 12.20 1.50 10.75
CA GLU A 187 13.66 1.57 10.85
C GLU A 187 14.33 0.86 9.67
N GLN A 188 13.80 -0.31 9.31
CA GLN A 188 14.21 -0.97 8.07
C GLN A 188 13.96 -0.06 6.87
N VAL A 189 12.77 0.54 6.80
CA VAL A 189 12.48 1.46 5.71
C VAL A 189 13.57 2.54 5.62
N ASN A 190 13.93 3.12 6.77
CA ASN A 190 14.96 4.16 6.81
C ASN A 190 16.27 3.66 6.19
N LYS A 191 16.78 2.52 6.68
CA LYS A 191 17.92 1.85 6.08
C LYS A 191 17.87 1.84 4.55
N LEU A 192 16.68 1.56 3.99
CA LEU A 192 16.56 1.50 2.53
C LEU A 192 16.93 2.82 1.82
N ILE A 193 17.07 3.94 2.54
CA ILE A 193 17.43 5.18 1.85
C ILE A 193 18.50 5.97 2.60
N GLY A 194 19.31 5.29 3.41
CA GLY A 194 20.25 5.94 4.30
C GLY A 194 19.57 6.82 5.33
N ILE A 195 18.74 6.22 6.18
CA ILE A 195 17.88 6.90 7.17
C ILE A 195 17.45 8.33 6.73
#